data_6G7W
#
_entry.id   6G7W
#
_cell.length_a   52.631
_cell.length_b   46.491
_cell.length_c   70.302
_cell.angle_alpha   90.000
_cell.angle_beta   102.900
_cell.angle_gamma   90.000
#
_symmetry.space_group_name_H-M   'P 1 21 1'
#
loop_
_entity.id
_entity.type
_entity.pdbx_description
1 polymer 'NHL repeat-containing protein 2'
2 water water
#
_entity_poly.entity_id   1
_entity_poly.type   'polypeptide(L)'
_entity_poly.pdbx_seq_one_letter_code
;MHHHHHHMSPLLFPGKVTVDQVTDRLVIADTGHHRILVVWKNGQIQYSIGGPNPGRKDGIFSESTFNSPQGVAIMNNIIY
VADTENHLIRKIDLEAEKVSTVAGIGIQGTDKEGGAKGEQQPISSPWDVVFGTSGSEVQRGDILWIAMAGTHQIWALLLD
SGKLPKKNELTKGTCLRFAGSGNEENRNNAYPHKAGFAQPSGLSLASEDPWSCLFVADSESSTVRTVSLKDGAVKHLVGG
ERDPMNLFAFGDVDGVGINAKLQHPLGVTWDKKRNLLYVADSYNHKIKVVDPKTKNCTTLAGTGDTNNVTSSSFTESTFN
EPGGLCIGENGELLYVADTNNHQIKVMDLETKMVSVLPIF
;
_entity_poly.pdbx_strand_id   A
#
# COMPACT_ATOMS: atom_id res chain seq x y z
N HIS A 7 5.27 -25.00 -2.22
CA HIS A 7 5.05 -24.82 -0.79
C HIS A 7 6.39 -24.72 -0.07
N MET A 8 7.46 -24.49 -0.82
CA MET A 8 8.81 -24.48 -0.28
C MET A 8 9.34 -23.09 0.04
N SER A 9 8.74 -22.02 -0.50
CA SER A 9 9.12 -20.69 -0.05
C SER A 9 8.72 -20.51 1.41
N PRO A 10 9.52 -19.78 2.21
CA PRO A 10 9.07 -19.42 3.55
C PRO A 10 7.90 -18.45 3.56
N LEU A 11 7.61 -17.82 2.43
CA LEU A 11 6.48 -16.92 2.30
C LEU A 11 5.32 -17.62 1.58
N LEU A 12 4.09 -17.16 1.88
CA LEU A 12 2.87 -17.67 1.26
C LEU A 12 2.01 -16.47 0.88
N PHE A 13 1.87 -16.22 -0.43
CA PHE A 13 1.08 -15.10 -0.94
C PHE A 13 1.37 -13.78 -0.22
N PRO A 14 2.64 -13.39 -0.07
CA PRO A 14 2.97 -12.12 0.59
C PRO A 14 2.36 -10.95 -0.17
N GLY A 15 1.51 -10.19 0.49
CA GLY A 15 0.80 -9.14 -0.22
C GLY A 15 1.51 -7.81 -0.28
N LYS A 16 2.34 -7.48 0.71
CA LYS A 16 2.88 -6.12 0.83
C LYS A 16 4.32 -6.17 1.34
N VAL A 17 5.07 -5.12 1.00
CA VAL A 17 6.44 -4.95 1.51
C VAL A 17 6.71 -3.46 1.66
N THR A 18 7.43 -3.08 2.72
CA THR A 18 7.86 -1.69 2.85
C THR A 18 9.30 -1.68 3.34
N VAL A 19 9.94 -0.51 3.25
CA VAL A 19 11.35 -0.33 3.60
C VAL A 19 11.47 0.69 4.74
N ASP A 20 12.25 0.35 5.75
CA ASP A 20 12.56 1.27 6.84
C ASP A 20 13.60 2.27 6.36
N GLN A 21 13.26 3.57 6.44
N GLN A 21 13.25 3.56 6.44
CA GLN A 21 14.15 4.56 5.83
CA GLN A 21 14.13 4.57 5.87
C GLN A 21 15.44 4.77 6.62
C GLN A 21 15.46 4.69 6.61
N VAL A 22 15.48 4.49 7.92
CA VAL A 22 16.70 4.75 8.67
C VAL A 22 17.55 3.52 8.92
N THR A 23 17.02 2.33 8.72
CA THR A 23 17.82 1.12 8.92
C THR A 23 17.95 0.29 7.66
N ASP A 24 17.19 0.60 6.61
CA ASP A 24 17.14 -0.15 5.37
C ASP A 24 16.52 -1.53 5.54
N ARG A 25 16.04 -1.90 6.73
CA ARG A 25 15.32 -3.16 6.89
C ARG A 25 14.05 -3.16 6.06
N LEU A 26 13.59 -4.35 5.71
CA LEU A 26 12.30 -4.52 5.05
C LEU A 26 11.27 -5.06 6.06
N VAL A 27 10.03 -4.68 5.86
CA VAL A 27 8.91 -5.30 6.56
C VAL A 27 8.04 -5.96 5.50
N ILE A 28 7.75 -7.24 5.69
CA ILE A 28 7.00 -8.04 4.73
C ILE A 28 5.73 -8.53 5.41
N ALA A 29 4.58 -8.31 4.77
CA ALA A 29 3.33 -8.93 5.23
C ALA A 29 3.26 -10.31 4.56
N ASP A 30 3.57 -11.34 5.35
CA ASP A 30 3.53 -12.74 4.88
C ASP A 30 2.09 -13.20 5.03
N THR A 31 1.25 -12.72 4.09
CA THR A 31 -0.19 -12.72 4.27
C THR A 31 -0.74 -14.12 4.52
N GLY A 32 -0.31 -15.10 3.72
CA GLY A 32 -0.87 -16.44 3.84
C GLY A 32 -0.45 -17.16 5.11
N HIS A 33 0.60 -16.70 5.77
CA HIS A 33 1.03 -17.27 7.04
C HIS A 33 0.59 -16.42 8.22
N HIS A 34 -0.21 -15.38 7.97
CA HIS A 34 -0.79 -14.55 9.03
C HIS A 34 0.29 -13.97 9.95
N ARG A 35 1.40 -13.53 9.35
CA ARG A 35 2.52 -13.04 10.15
C ARG A 35 3.20 -11.87 9.44
N ILE A 36 3.91 -11.07 10.22
CA ILE A 36 4.70 -9.95 9.74
C ILE A 36 6.17 -10.31 9.92
N LEU A 37 6.99 -10.11 8.88
CA LEU A 37 8.43 -10.32 8.95
C LEU A 37 9.17 -8.99 8.93
N VAL A 38 10.22 -8.88 9.75
CA VAL A 38 11.18 -7.80 9.67
C VAL A 38 12.49 -8.44 9.29
N VAL A 39 13.10 -7.99 8.18
CA VAL A 39 14.31 -8.61 7.66
C VAL A 39 15.33 -7.52 7.39
N TRP A 40 16.60 -7.83 7.61
CA TRP A 40 17.64 -6.95 7.11
C TRP A 40 17.64 -6.94 5.59
N LYS A 41 18.24 -5.92 5.00
CA LYS A 41 18.10 -5.76 3.56
C LYS A 41 18.73 -6.89 2.77
N ASN A 42 19.58 -7.71 3.40
CA ASN A 42 20.14 -8.87 2.70
C ASN A 42 19.23 -10.09 2.80
N GLY A 43 18.14 -10.00 3.55
CA GLY A 43 17.20 -11.09 3.68
C GLY A 43 17.23 -11.83 5.01
N GLN A 44 18.14 -11.46 5.92
CA GLN A 44 18.22 -12.13 7.21
C GLN A 44 17.06 -11.71 8.09
N ILE A 45 16.25 -12.68 8.54
CA ILE A 45 15.10 -12.34 9.37
C ILE A 45 15.56 -11.84 10.73
N GLN A 46 14.96 -10.75 11.18
CA GLN A 46 15.18 -10.21 12.52
C GLN A 46 14.01 -10.48 13.44
N TYR A 47 12.78 -10.36 12.93
CA TYR A 47 11.57 -10.69 13.68
C TYR A 47 10.60 -11.45 12.80
N SER A 48 9.89 -12.42 13.40
CA SER A 48 8.74 -13.07 12.78
C SER A 48 7.61 -13.03 13.80
N ILE A 49 6.55 -12.28 13.49
CA ILE A 49 5.48 -12.01 14.46
C ILE A 49 4.16 -12.51 13.90
N GLY A 50 3.55 -13.46 14.59
CA GLY A 50 2.29 -14.03 14.18
C GLY A 50 2.43 -15.48 13.74
N GLY A 51 1.27 -16.07 13.44
CA GLY A 51 1.20 -17.40 12.90
C GLY A 51 0.94 -18.45 13.97
N PRO A 52 0.62 -19.68 13.54
CA PRO A 52 0.47 -20.06 12.13
C PRO A 52 -0.94 -19.81 11.58
N ASN A 53 -1.90 -19.58 12.48
CA ASN A 53 -3.29 -19.47 12.07
C ASN A 53 -3.79 -18.04 12.23
N PRO A 54 -4.92 -17.70 11.60
CA PRO A 54 -5.47 -16.37 11.76
C PRO A 54 -5.98 -16.14 13.18
N GLY A 55 -5.89 -14.89 13.62
CA GLY A 55 -6.36 -14.49 14.94
C GLY A 55 -6.26 -12.98 15.05
N ARG A 56 -6.68 -12.47 16.21
CA ARG A 56 -6.55 -11.05 16.49
C ARG A 56 -5.92 -10.79 17.85
N LYS A 57 -5.01 -11.67 18.30
CA LYS A 57 -4.54 -11.56 19.68
C LYS A 57 -3.41 -10.53 19.81
N ASP A 58 -3.55 -9.65 20.80
CA ASP A 58 -2.50 -8.69 21.15
C ASP A 58 -1.67 -9.22 22.31
N GLY A 59 -0.56 -8.54 22.57
CA GLY A 59 0.24 -8.86 23.72
C GLY A 59 1.70 -9.00 23.34
N ILE A 60 2.43 -9.86 24.06
CA ILE A 60 3.83 -10.09 23.68
C ILE A 60 3.89 -10.76 22.31
N PHE A 61 5.05 -10.63 21.67
CA PHE A 61 5.18 -11.09 20.29
C PHE A 61 4.79 -12.57 20.15
N SER A 62 5.21 -13.42 21.08
CA SER A 62 5.01 -14.86 20.93
C SER A 62 3.53 -15.26 20.94
N GLU A 63 2.66 -14.46 21.53
CA GLU A 63 1.23 -14.80 21.50
C GLU A 63 0.43 -13.99 20.49
N SER A 64 1.06 -13.10 19.73
CA SER A 64 0.28 -12.19 18.87
C SER A 64 -0.10 -12.89 17.56
N THR A 65 -1.31 -12.58 17.07
CA THR A 65 -1.78 -13.14 15.80
C THR A 65 -2.48 -12.06 14.96
N PHE A 66 -2.52 -12.31 13.65
CA PHE A 66 -3.09 -11.46 12.61
C PHE A 66 -3.97 -12.33 11.71
N ASN A 67 -4.71 -11.68 10.80
CA ASN A 67 -5.62 -12.39 9.91
C ASN A 67 -5.47 -11.83 8.49
N SER A 68 -4.64 -12.50 7.68
CA SER A 68 -4.40 -12.13 6.29
C SER A 68 -3.99 -10.66 6.13
N PRO A 69 -2.93 -10.24 6.84
CA PRO A 69 -2.55 -8.83 6.83
C PRO A 69 -2.02 -8.40 5.48
N GLN A 70 -2.24 -7.12 5.17
CA GLN A 70 -1.73 -6.52 3.93
C GLN A 70 -0.81 -5.38 4.29
N GLY A 71 -1.24 -4.12 4.15
CA GLY A 71 -0.38 -2.97 4.33
C GLY A 71 0.50 -2.95 5.58
N VAL A 72 1.78 -2.61 5.40
CA VAL A 72 2.74 -2.46 6.48
C VAL A 72 3.45 -1.11 6.31
N ALA A 73 3.64 -0.39 7.40
CA ALA A 73 4.38 0.88 7.37
C ALA A 73 5.24 0.93 8.62
N ILE A 74 6.46 1.45 8.51
CA ILE A 74 7.38 1.44 9.65
C ILE A 74 8.01 2.82 9.81
N MET A 75 8.09 3.27 11.06
CA MET A 75 8.84 4.48 11.37
C MET A 75 9.25 4.42 12.83
N ASN A 76 10.54 4.62 13.10
CA ASN A 76 11.04 4.75 14.47
C ASN A 76 10.70 3.52 15.30
N ASN A 77 10.93 2.34 14.72
CA ASN A 77 10.71 1.04 15.37
C ASN A 77 9.24 0.77 15.74
N ILE A 78 8.29 1.48 15.13
CA ILE A 78 6.88 1.15 15.24
C ILE A 78 6.38 0.74 13.86
N ILE A 79 5.71 -0.40 13.77
CA ILE A 79 5.10 -0.87 12.54
C ILE A 79 3.58 -0.79 12.69
N TYR A 80 2.90 -0.19 11.71
CA TYR A 80 1.45 -0.28 11.63
C TYR A 80 1.05 -1.28 10.55
N VAL A 81 -0.02 -2.04 10.83
CA VAL A 81 -0.43 -3.15 9.97
C VAL A 81 -1.90 -2.95 9.60
N ALA A 82 -2.18 -2.90 8.30
CA ALA A 82 -3.55 -3.09 7.81
C ALA A 82 -3.88 -4.58 7.94
N ASP A 83 -4.54 -4.94 9.05
CA ASP A 83 -4.83 -6.34 9.39
C ASP A 83 -6.16 -6.69 8.75
N THR A 84 -6.12 -6.89 7.43
CA THR A 84 -7.28 -6.69 6.56
C THR A 84 -8.49 -7.50 7.00
N GLU A 85 -8.32 -8.81 7.17
N GLU A 85 -8.32 -8.80 7.19
CA GLU A 85 -9.47 -9.66 7.42
CA GLU A 85 -9.48 -9.65 7.44
C GLU A 85 -9.97 -9.56 8.85
C GLU A 85 -9.90 -9.68 8.90
N ASN A 86 -9.21 -8.95 9.76
CA ASN A 86 -9.73 -8.61 11.07
C ASN A 86 -10.42 -7.25 11.08
N HIS A 87 -10.31 -6.48 9.99
CA HIS A 87 -10.82 -5.11 9.94
C HIS A 87 -10.26 -4.28 11.10
N LEU A 88 -8.95 -4.37 11.27
CA LEU A 88 -8.21 -3.69 12.32
C LEU A 88 -6.99 -3.00 11.74
N ILE A 89 -6.55 -1.93 12.39
CA ILE A 89 -5.18 -1.45 12.27
C ILE A 89 -4.45 -1.92 13.52
N ARG A 90 -3.32 -2.59 13.35
CA ARG A 90 -2.54 -3.08 14.48
C ARG A 90 -1.24 -2.28 14.58
N LYS A 91 -0.69 -2.25 15.78
CA LYS A 91 0.57 -1.57 16.08
C LYS A 91 1.55 -2.59 16.63
N ILE A 92 2.69 -2.71 15.96
CA ILE A 92 3.81 -3.54 16.44
C ILE A 92 4.87 -2.60 16.98
N ASP A 93 5.12 -2.66 18.28
CA ASP A 93 6.13 -1.82 18.92
C ASP A 93 7.39 -2.66 19.13
N LEU A 94 8.42 -2.42 18.31
CA LEU A 94 9.59 -3.30 18.35
C LEU A 94 10.38 -3.11 19.63
N GLU A 95 10.38 -1.90 20.20
CA GLU A 95 11.10 -1.69 21.44
C GLU A 95 10.49 -2.50 22.58
N ALA A 96 9.18 -2.35 22.79
CA ALA A 96 8.44 -3.06 23.83
C ALA A 96 8.14 -4.52 23.49
N GLU A 97 8.39 -4.94 22.24
CA GLU A 97 7.98 -6.25 21.72
C GLU A 97 6.54 -6.57 22.12
N LYS A 98 5.63 -5.66 21.78
CA LYS A 98 4.20 -5.80 22.04
C LYS A 98 3.41 -5.48 20.78
N VAL A 99 2.37 -6.27 20.51
CA VAL A 99 1.39 -5.91 19.49
C VAL A 99 0.13 -5.37 20.15
N SER A 100 -0.44 -4.31 19.55
CA SER A 100 -1.67 -3.71 20.08
C SER A 100 -2.60 -3.38 18.92
N THR A 101 -3.83 -2.98 19.27
CA THR A 101 -4.85 -2.64 18.27
C THR A 101 -5.20 -1.17 18.42
N VAL A 102 -5.08 -0.42 17.33
CA VAL A 102 -5.22 1.03 17.37
C VAL A 102 -6.41 1.54 16.58
N ALA A 103 -7.08 0.70 15.79
CA ALA A 103 -8.34 1.11 15.15
C ALA A 103 -9.11 -0.11 14.69
N GLY A 104 -10.44 0.04 14.63
CA GLY A 104 -11.32 -1.06 14.24
C GLY A 104 -11.84 -1.85 15.42
N ILE A 105 -12.94 -2.58 15.18
CA ILE A 105 -13.65 -3.32 16.22
C ILE A 105 -13.61 -4.83 15.97
N GLY A 106 -12.84 -5.29 14.99
CA GLY A 106 -12.67 -6.71 14.74
C GLY A 106 -13.70 -7.33 13.82
N ILE A 107 -14.71 -6.58 13.39
CA ILE A 107 -15.65 -7.02 12.37
C ILE A 107 -15.77 -5.91 11.33
N GLN A 108 -16.33 -6.29 10.19
CA GLN A 108 -16.40 -5.37 9.05
C GLN A 108 -17.43 -4.28 9.31
N GLY A 109 -16.95 -3.04 9.38
CA GLY A 109 -17.86 -1.92 9.52
C GLY A 109 -18.46 -1.50 8.18
N THR A 110 -19.51 -0.68 8.28
CA THR A 110 -20.16 -0.07 7.13
C THR A 110 -20.20 1.45 7.25
N ASP A 111 -19.48 2.00 8.22
CA ASP A 111 -19.45 3.43 8.50
C ASP A 111 -18.63 4.13 7.42
N LYS A 112 -19.27 5.03 6.65
CA LYS A 112 -18.55 5.72 5.59
C LYS A 112 -18.00 7.07 6.03
N GLU A 113 -18.12 7.41 7.33
CA GLU A 113 -17.63 8.70 7.81
C GLU A 113 -16.57 8.58 8.88
N GLY A 114 -16.75 7.68 9.85
CA GLY A 114 -15.81 7.60 10.98
C GLY A 114 -15.92 8.81 11.91
N GLY A 115 -14.83 9.06 12.64
CA GLY A 115 -14.78 10.15 13.60
C GLY A 115 -14.65 9.73 15.05
N ALA A 116 -14.78 8.44 15.35
CA ALA A 116 -14.57 7.96 16.71
C ALA A 116 -13.10 7.64 16.88
N LYS A 117 -12.71 7.32 18.10
CA LYS A 117 -11.30 7.06 18.40
C LYS A 117 -11.05 5.57 18.45
N GLY A 118 -10.00 5.13 17.74
CA GLY A 118 -9.34 3.88 18.07
C GLY A 118 -10.26 2.70 17.91
N GLU A 119 -10.37 1.91 18.98
CA GLU A 119 -11.14 0.69 18.93
C GLU A 119 -12.63 0.94 19.07
N GLN A 120 -13.05 2.20 19.14
CA GLN A 120 -14.46 2.56 19.02
C GLN A 120 -14.89 2.76 17.59
N GLN A 121 -13.98 2.74 16.63
CA GLN A 121 -14.31 3.10 15.25
C GLN A 121 -14.27 1.89 14.33
N PRO A 122 -15.42 1.42 13.81
CA PRO A 122 -15.39 0.29 12.87
C PRO A 122 -14.82 0.70 11.53
N ILE A 123 -14.05 -0.20 10.92
CA ILE A 123 -13.43 0.04 9.63
C ILE A 123 -13.67 -1.18 8.75
N SER A 124 -13.26 -1.11 7.48
CA SER A 124 -13.66 -2.13 6.51
C SER A 124 -12.50 -2.44 5.57
N SER A 125 -11.94 -3.64 5.73
CA SER A 125 -10.87 -4.14 4.86
C SER A 125 -9.78 -3.10 4.59
N PRO A 126 -9.11 -2.60 5.64
CA PRO A 126 -7.93 -1.78 5.41
C PRO A 126 -6.93 -2.59 4.62
N TRP A 127 -6.36 -1.98 3.57
CA TRP A 127 -5.49 -2.70 2.65
C TRP A 127 -4.08 -2.11 2.54
N ASP A 128 -3.90 -0.81 2.69
CA ASP A 128 -2.56 -0.26 2.72
C ASP A 128 -2.52 0.88 3.72
N VAL A 129 -1.31 1.14 4.22
CA VAL A 129 -1.07 2.20 5.19
C VAL A 129 0.29 2.83 4.88
N VAL A 130 0.36 4.15 5.06
CA VAL A 130 1.62 4.89 5.00
C VAL A 130 1.59 5.97 6.07
N PHE A 131 2.77 6.29 6.61
CA PHE A 131 2.91 7.43 7.50
C PHE A 131 2.78 8.75 6.76
N GLY A 132 2.15 9.73 7.40
CA GLY A 132 2.18 11.10 6.94
C GLY A 132 2.51 12.07 8.07
N THR A 133 2.49 13.36 7.74
CA THR A 133 2.79 14.43 8.70
C THR A 133 1.79 15.55 8.54
N SER A 134 1.10 15.91 9.61
CA SER A 134 0.21 17.06 9.60
C SER A 134 0.99 18.35 9.91
N ARG A 140 6.65 14.47 11.28
CA ARG A 140 6.92 13.80 12.54
C ARG A 140 6.20 12.45 12.58
N GLY A 141 5.44 12.16 11.53
CA GLY A 141 4.72 10.90 11.46
C GLY A 141 3.48 10.84 12.34
N ASP A 142 2.71 11.92 12.41
CA ASP A 142 1.55 11.93 13.29
C ASP A 142 0.25 11.49 12.59
N ILE A 143 0.28 11.17 11.29
CA ILE A 143 -0.89 10.64 10.59
C ILE A 143 -0.53 9.28 10.01
N LEU A 144 -1.46 8.34 10.10
CA LEU A 144 -1.39 7.10 9.34
C LEU A 144 -2.49 7.18 8.30
N TRP A 145 -2.10 7.25 7.02
CA TRP A 145 -3.06 7.23 5.93
C TRP A 145 -3.41 5.78 5.59
N ILE A 146 -4.70 5.53 5.32
CA ILE A 146 -5.21 4.18 5.14
C ILE A 146 -5.98 4.08 3.84
N ALA A 147 -5.59 3.13 2.98
CA ALA A 147 -6.44 2.75 1.85
C ALA A 147 -7.50 1.82 2.39
N MET A 148 -8.72 2.35 2.57
CA MET A 148 -9.84 1.59 3.13
C MET A 148 -10.63 0.93 1.99
N ALA A 149 -10.17 -0.26 1.58
CA ALA A 149 -10.74 -0.89 0.40
C ALA A 149 -12.20 -1.25 0.60
N GLY A 150 -12.60 -1.57 1.84
CA GLY A 150 -13.93 -2.10 2.07
C GLY A 150 -15.04 -1.09 1.86
N THR A 151 -14.81 0.19 2.18
CA THR A 151 -15.79 1.23 1.92
C THR A 151 -15.32 2.19 0.83
N HIS A 152 -14.28 1.80 0.06
CA HIS A 152 -13.87 2.55 -1.12
C HIS A 152 -13.42 3.98 -0.80
N GLN A 153 -12.55 4.10 0.20
CA GLN A 153 -12.23 5.40 0.73
C GLN A 153 -10.78 5.44 1.17
N ILE A 154 -10.28 6.67 1.33
CA ILE A 154 -9.00 6.92 1.99
C ILE A 154 -9.33 7.46 3.37
N TRP A 155 -8.82 6.82 4.41
CA TRP A 155 -9.05 7.18 5.80
C TRP A 155 -7.74 7.69 6.40
N ALA A 156 -7.88 8.33 7.58
CA ALA A 156 -6.72 8.71 8.39
C ALA A 156 -6.92 8.23 9.83
N LEU A 157 -5.83 7.78 10.44
CA LEU A 157 -5.76 7.56 11.89
C LEU A 157 -4.79 8.60 12.44
N LEU A 158 -5.25 9.40 13.40
CA LEU A 158 -4.39 10.39 14.03
C LEU A 158 -3.49 9.69 15.04
N LEU A 159 -2.20 9.61 14.76
CA LEU A 159 -1.28 9.00 15.71
C LEU A 159 -0.94 9.96 16.83
N ASP A 160 -1.00 11.26 16.53
CA ASP A 160 -0.95 12.35 17.49
C ASP A 160 -2.06 13.31 17.10
N SER A 161 -2.41 14.23 18.01
CA SER A 161 -3.41 15.22 17.62
C SER A 161 -2.90 16.08 16.47
N GLY A 162 -3.77 16.38 15.51
CA GLY A 162 -3.34 17.16 14.37
C GLY A 162 -4.51 17.42 13.46
N LYS A 163 -4.23 18.14 12.38
CA LYS A 163 -5.28 18.50 11.43
C LYS A 163 -5.00 17.86 10.07
N LEU A 164 -6.00 17.20 9.53
CA LEU A 164 -6.00 16.82 8.14
C LEU A 164 -6.08 18.07 7.27
N PRO A 165 -5.74 17.94 5.98
CA PRO A 165 -5.86 19.08 5.08
C PRO A 165 -7.25 19.69 5.13
N LYS A 166 -7.29 21.00 5.39
CA LYS A 166 -8.48 21.86 5.40
C LYS A 166 -9.39 21.57 6.59
N LYS A 167 -9.01 20.69 7.51
CA LYS A 167 -9.85 20.34 8.64
C LYS A 167 -9.31 20.97 9.92
N ASN A 168 -10.16 20.96 10.95
CA ASN A 168 -9.67 21.42 12.23
C ASN A 168 -8.97 20.30 12.98
N GLU A 169 -8.22 20.70 14.01
CA GLU A 169 -7.44 19.72 14.77
C GLU A 169 -8.35 18.69 15.40
N LEU A 170 -7.93 17.43 15.31
CA LEU A 170 -8.61 16.30 15.93
C LEU A 170 -7.66 15.60 16.90
N THR A 171 -8.23 15.11 17.99
CA THR A 171 -7.45 14.47 19.05
C THR A 171 -6.85 13.13 18.60
N LYS A 172 -5.71 12.80 19.21
CA LYS A 172 -5.01 11.54 19.00
C LYS A 172 -5.97 10.37 19.10
N GLY A 173 -5.86 9.45 18.13
CA GLY A 173 -6.69 8.27 18.08
C GLY A 173 -7.90 8.40 17.20
N THR A 174 -8.27 9.61 16.80
CA THR A 174 -9.40 9.77 15.89
C THR A 174 -9.12 9.02 14.59
N CYS A 175 -10.12 8.30 14.11
CA CYS A 175 -10.01 7.50 12.89
C CYS A 175 -11.20 7.85 12.02
N LEU A 176 -10.97 8.36 10.80
CA LEU A 176 -12.08 8.87 10.03
C LEU A 176 -11.77 8.88 8.53
N ARG A 177 -12.85 9.01 7.76
CA ARG A 177 -12.75 9.13 6.31
C ARG A 177 -12.12 10.47 5.97
N PHE A 178 -11.17 10.45 5.03
CA PHE A 178 -10.60 11.68 4.49
C PHE A 178 -11.12 11.98 3.09
N ALA A 179 -11.05 11.00 2.18
CA ALA A 179 -11.53 11.19 0.81
C ALA A 179 -12.36 9.99 0.39
N GLY A 180 -13.37 10.26 -0.43
CA GLY A 180 -14.21 9.20 -0.93
C GLY A 180 -15.60 9.29 -0.32
N SER A 181 -16.61 9.30 -1.18
CA SER A 181 -17.99 9.31 -0.72
C SER A 181 -18.40 7.98 -0.09
N GLY A 182 -17.73 6.88 -0.43
CA GLY A 182 -18.21 5.56 -0.09
C GLY A 182 -18.88 4.82 -1.24
N ASN A 183 -19.24 5.53 -2.31
CA ASN A 183 -19.75 4.87 -3.52
C ASN A 183 -18.60 4.26 -4.30
N GLU A 184 -18.86 3.13 -4.96
CA GLU A 184 -17.79 2.40 -5.65
C GLU A 184 -17.71 2.95 -7.08
N GLU A 185 -16.79 3.89 -7.31
CA GLU A 185 -16.81 4.69 -8.53
C GLU A 185 -15.38 5.04 -8.92
N ASN A 186 -15.24 5.58 -10.13
CA ASN A 186 -13.97 6.15 -10.60
C ASN A 186 -14.17 7.66 -10.76
N ARG A 187 -14.33 8.36 -9.63
CA ARG A 187 -14.84 9.72 -9.65
C ARG A 187 -13.83 10.65 -8.98
N ASN A 188 -13.35 11.64 -9.73
CA ASN A 188 -12.45 12.63 -9.17
C ASN A 188 -13.23 13.89 -8.82
N ASN A 189 -12.69 14.69 -7.89
CA ASN A 189 -13.44 15.85 -7.46
C ASN A 189 -12.55 16.83 -6.73
N ALA A 190 -12.89 18.13 -6.86
CA ALA A 190 -12.21 19.17 -6.09
C ALA A 190 -12.40 19.00 -4.57
N TYR A 191 -13.48 18.34 -4.15
CA TYR A 191 -13.77 18.17 -2.74
C TYR A 191 -13.63 16.71 -2.37
N PRO A 192 -12.82 16.37 -1.36
CA PRO A 192 -12.51 14.95 -1.14
C PRO A 192 -13.71 14.07 -0.84
N HIS A 193 -14.71 14.56 -0.10
CA HIS A 193 -15.85 13.71 0.23
C HIS A 193 -16.72 13.40 -1.00
N LYS A 194 -16.61 14.20 -2.05
CA LYS A 194 -17.41 14.00 -3.26
C LYS A 194 -16.69 13.14 -4.30
N ALA A 195 -15.41 12.85 -4.11
CA ALA A 195 -14.73 11.88 -4.95
C ALA A 195 -15.24 10.48 -4.66
N GLY A 196 -14.93 9.56 -5.55
CA GLY A 196 -15.27 8.17 -5.36
C GLY A 196 -14.12 7.28 -5.78
N PHE A 197 -13.83 6.25 -4.98
CA PHE A 197 -12.80 5.26 -5.25
C PHE A 197 -13.46 3.90 -5.41
N ALA A 198 -12.66 2.92 -5.83
CA ALA A 198 -13.18 1.57 -6.12
C ALA A 198 -12.08 0.58 -5.71
N GLN A 199 -12.22 0.04 -4.50
CA GLN A 199 -11.22 -0.85 -3.91
C GLN A 199 -9.81 -0.28 -3.93
N PRO A 200 -9.59 0.90 -3.34
CA PRO A 200 -8.24 1.46 -3.25
C PRO A 200 -7.37 0.55 -2.40
N SER A 201 -6.19 0.17 -2.91
CA SER A 201 -5.42 -0.88 -2.28
C SER A 201 -3.95 -0.56 -2.08
N GLY A 202 -3.48 0.59 -2.54
CA GLY A 202 -2.08 0.94 -2.46
C GLY A 202 -1.98 2.44 -2.28
N LEU A 203 -1.11 2.89 -1.39
CA LEU A 203 -0.87 4.31 -1.19
C LEU A 203 0.63 4.57 -1.23
N SER A 204 1.02 5.78 -1.65
CA SER A 204 2.39 6.20 -1.42
C SER A 204 2.42 7.72 -1.32
N LEU A 205 3.27 8.24 -0.43
CA LEU A 205 3.32 9.65 -0.09
C LEU A 205 4.38 10.39 -0.90
N ALA A 206 4.00 11.52 -1.49
CA ALA A 206 4.95 12.46 -2.05
C ALA A 206 4.68 13.79 -1.38
N SER A 207 5.27 13.99 -0.19
CA SER A 207 4.97 15.16 0.61
C SER A 207 5.59 16.45 0.08
N GLU A 208 6.63 16.36 -0.74
CA GLU A 208 7.38 17.53 -1.16
C GLU A 208 6.74 18.23 -2.37
N ASP A 209 6.99 19.54 -2.47
CA ASP A 209 6.59 20.30 -3.64
C ASP A 209 7.30 19.75 -4.88
N PRO A 210 6.63 19.77 -6.06
CA PRO A 210 5.30 20.29 -6.36
C PRO A 210 4.20 19.25 -6.30
N TRP A 211 4.51 18.11 -5.69
CA TRP A 211 3.58 16.99 -5.69
C TRP A 211 2.56 17.13 -4.55
N SER A 212 3.05 17.21 -3.32
CA SER A 212 2.21 17.39 -2.13
C SER A 212 0.94 16.54 -2.18
N CYS A 213 1.13 15.22 -2.34
CA CYS A 213 -0.03 14.36 -2.54
C CYS A 213 0.22 12.95 -2.06
N LEU A 214 -0.88 12.21 -1.90
CA LEU A 214 -0.85 10.76 -1.83
C LEU A 214 -1.14 10.23 -3.24
N PHE A 215 -0.36 9.27 -3.69
CA PHE A 215 -0.74 8.50 -4.87
C PHE A 215 -1.54 7.28 -4.42
N VAL A 216 -2.57 6.94 -5.18
CA VAL A 216 -3.50 5.88 -4.82
C VAL A 216 -3.60 4.89 -5.97
N ALA A 217 -3.36 3.60 -5.67
CA ALA A 217 -3.66 2.50 -6.60
C ALA A 217 -5.13 2.14 -6.39
N ASP A 218 -5.98 2.52 -7.35
CA ASP A 218 -7.42 2.27 -7.24
C ASP A 218 -7.75 0.99 -8.03
N SER A 219 -7.89 -0.13 -7.31
CA SER A 219 -7.77 -1.43 -7.99
C SER A 219 -8.96 -1.74 -8.89
N GLU A 220 -10.19 -1.51 -8.41
CA GLU A 220 -11.36 -1.90 -9.20
C GLU A 220 -11.64 -0.94 -10.35
N SER A 221 -11.15 0.29 -10.30
CA SER A 221 -11.26 1.18 -11.46
C SER A 221 -10.07 1.05 -12.40
N SER A 222 -9.02 0.33 -11.98
CA SER A 222 -7.75 0.21 -12.70
C SER A 222 -7.15 1.57 -13.06
N THR A 223 -7.10 2.46 -12.05
CA THR A 223 -6.54 3.79 -12.21
C THR A 223 -5.53 4.07 -11.10
N VAL A 224 -4.71 5.09 -11.33
CA VAL A 224 -3.92 5.74 -10.29
C VAL A 224 -4.48 7.15 -10.11
N ARG A 225 -4.75 7.53 -8.85
CA ARG A 225 -5.23 8.87 -8.52
C ARG A 225 -4.20 9.60 -7.66
N THR A 226 -4.35 10.92 -7.58
CA THR A 226 -3.65 11.69 -6.56
C THR A 226 -4.68 12.26 -5.60
N VAL A 227 -4.29 12.37 -4.35
CA VAL A 227 -5.09 13.07 -3.35
C VAL A 227 -4.21 14.17 -2.76
N SER A 228 -4.66 15.41 -2.88
CA SER A 228 -3.85 16.54 -2.46
C SER A 228 -3.77 16.63 -0.94
N LEU A 229 -2.53 16.82 -0.43
CA LEU A 229 -2.33 17.12 0.99
C LEU A 229 -2.47 18.60 1.31
N LYS A 230 -2.74 19.44 0.29
CA LYS A 230 -3.10 20.83 0.51
C LYS A 230 -4.60 20.96 0.79
N ASP A 231 -5.44 20.36 -0.04
CA ASP A 231 -6.89 20.55 0.13
C ASP A 231 -7.71 19.30 -0.12
N GLY A 232 -7.08 18.14 -0.29
CA GLY A 232 -7.79 16.90 -0.47
C GLY A 232 -8.40 16.67 -1.83
N ALA A 233 -8.22 17.60 -2.78
CA ALA A 233 -8.71 17.34 -4.14
C ALA A 233 -8.18 16.01 -4.66
N VAL A 234 -9.07 15.24 -5.32
CA VAL A 234 -8.77 13.93 -5.85
C VAL A 234 -8.73 14.05 -7.36
N LYS A 235 -7.62 13.64 -7.98
CA LYS A 235 -7.42 13.84 -9.40
C LYS A 235 -7.02 12.55 -10.09
N HIS A 236 -7.39 12.46 -11.37
CA HIS A 236 -6.95 11.35 -12.21
C HIS A 236 -5.50 11.51 -12.62
N LEU A 237 -4.71 10.41 -12.53
CA LEU A 237 -3.37 10.41 -13.09
C LEU A 237 -3.28 9.53 -14.33
N VAL A 238 -3.55 8.23 -14.24
CA VAL A 238 -3.53 7.37 -15.42
C VAL A 238 -4.63 6.30 -15.34
N GLY A 239 -4.99 5.78 -16.51
CA GLY A 239 -5.87 4.62 -16.58
C GLY A 239 -7.34 4.99 -16.65
N GLY A 240 -8.14 3.94 -16.84
CA GLY A 240 -9.61 4.01 -16.86
C GLY A 240 -10.16 4.83 -18.01
N GLU A 241 -11.40 5.26 -17.83
CA GLU A 241 -12.07 6.13 -18.79
C GLU A 241 -12.63 7.34 -18.05
N ARG A 242 -13.23 8.26 -18.81
CA ARG A 242 -13.79 9.46 -18.23
C ARG A 242 -15.04 9.16 -17.39
N ASP A 243 -15.86 8.22 -17.84
CA ASP A 243 -17.13 7.94 -17.16
C ASP A 243 -16.85 7.47 -15.74
N PRO A 244 -17.30 8.20 -14.70
CA PRO A 244 -16.97 7.78 -13.33
C PRO A 244 -17.66 6.52 -12.89
N MET A 245 -18.68 6.04 -13.61
CA MET A 245 -19.29 4.77 -13.25
C MET A 245 -18.64 3.57 -13.94
N ASN A 246 -17.75 3.78 -14.91
CA ASN A 246 -17.22 2.68 -15.69
C ASN A 246 -16.04 2.06 -14.95
N LEU A 247 -16.27 0.90 -14.35
CA LEU A 247 -15.24 0.10 -13.71
C LEU A 247 -14.83 -1.10 -14.56
N PHE A 248 -15.39 -1.21 -15.76
CA PHE A 248 -15.03 -2.20 -16.76
C PHE A 248 -14.07 -1.60 -17.79
N ALA A 249 -13.11 -0.82 -17.34
CA ALA A 249 -12.21 -0.14 -18.26
C ALA A 249 -10.78 -0.52 -17.94
N PHE A 250 -10.46 -1.81 -18.09
CA PHE A 250 -9.13 -2.30 -17.79
C PHE A 250 -8.47 -2.84 -19.06
N GLY A 251 -7.16 -3.04 -18.98
CA GLY A 251 -6.42 -3.51 -20.13
C GLY A 251 -4.95 -3.47 -19.80
N ASP A 252 -4.11 -3.50 -20.83
CA ASP A 252 -2.66 -3.43 -20.63
C ASP A 252 -2.08 -2.62 -21.77
N VAL A 253 -2.01 -1.30 -21.59
CA VAL A 253 -1.64 -0.39 -22.66
C VAL A 253 -0.76 0.72 -22.08
N ASP A 254 0.41 0.91 -22.69
CA ASP A 254 1.26 2.04 -22.35
C ASP A 254 0.73 3.28 -23.05
N GLY A 255 0.75 4.40 -22.35
CA GLY A 255 0.25 5.62 -22.95
C GLY A 255 0.10 6.70 -21.91
N VAL A 256 -0.37 7.86 -22.38
CA VAL A 256 -0.46 9.07 -21.56
C VAL A 256 -1.83 9.17 -20.92
N GLY A 257 -1.85 9.30 -19.60
CA GLY A 257 -3.08 9.61 -18.89
C GLY A 257 -4.18 8.58 -19.15
N ILE A 258 -5.31 9.11 -19.63
CA ILE A 258 -6.48 8.29 -19.93
C ILE A 258 -6.20 7.22 -20.99
N ASN A 259 -5.16 7.39 -21.81
CA ASN A 259 -4.86 6.37 -22.81
C ASN A 259 -4.17 5.15 -22.25
N ALA A 260 -3.61 5.24 -21.06
CA ALA A 260 -3.00 4.07 -20.44
C ALA A 260 -4.10 3.13 -19.93
N LYS A 261 -3.80 1.85 -19.92
CA LYS A 261 -4.72 0.86 -19.36
C LYS A 261 -3.97 -0.02 -18.39
N LEU A 262 -4.52 -0.17 -17.20
CA LEU A 262 -4.01 -1.04 -16.15
C LEU A 262 -5.04 -2.12 -15.88
N GLN A 263 -4.68 -3.11 -15.06
CA GLN A 263 -5.64 -4.12 -14.64
C GLN A 263 -5.44 -4.43 -13.17
N HIS A 264 -6.30 -3.86 -12.32
CA HIS A 264 -6.36 -4.14 -10.89
C HIS A 264 -5.03 -3.85 -10.21
N PRO A 265 -4.46 -2.65 -10.40
CA PRO A 265 -3.19 -2.34 -9.72
C PRO A 265 -3.39 -2.31 -8.21
N LEU A 266 -2.54 -3.05 -7.50
CA LEU A 266 -2.63 -3.13 -6.04
C LEU A 266 -1.59 -2.26 -5.33
N GLY A 267 -0.55 -1.78 -6.00
CA GLY A 267 0.48 -1.01 -5.31
C GLY A 267 1.04 0.14 -6.12
N VAL A 268 1.46 1.18 -5.40
CA VAL A 268 2.24 2.30 -5.93
C VAL A 268 3.36 2.62 -4.96
N THR A 269 4.48 3.14 -5.49
CA THR A 269 5.54 3.64 -4.63
C THR A 269 6.21 4.82 -5.34
N TRP A 270 6.40 5.90 -4.59
CA TRP A 270 6.96 7.14 -5.11
C TRP A 270 8.48 7.15 -5.01
N ASP A 271 9.14 7.45 -6.14
CA ASP A 271 10.60 7.55 -6.21
C ASP A 271 10.94 9.04 -6.26
N LYS A 272 11.27 9.62 -5.10
CA LYS A 272 11.52 11.05 -5.08
C LYS A 272 12.83 11.42 -5.78
N LYS A 273 13.79 10.49 -5.88
CA LYS A 273 15.04 10.80 -6.57
C LYS A 273 14.79 11.09 -8.04
N ARG A 274 14.02 10.23 -8.71
CA ARG A 274 13.73 10.37 -10.14
C ARG A 274 12.42 11.07 -10.43
N ASN A 275 11.63 11.38 -9.40
CA ASN A 275 10.29 11.95 -9.59
C ASN A 275 9.45 11.06 -10.49
N LEU A 276 9.46 9.76 -10.17
CA LEU A 276 8.70 8.75 -10.89
C LEU A 276 7.88 7.94 -9.90
N LEU A 277 6.75 7.42 -10.39
CA LEU A 277 5.87 6.54 -9.62
C LEU A 277 5.92 5.13 -10.20
N TYR A 278 6.26 4.14 -9.36
CA TYR A 278 6.22 2.77 -9.84
C TYR A 278 4.93 2.08 -9.39
N VAL A 279 4.39 1.25 -10.26
CA VAL A 279 3.05 0.71 -10.11
C VAL A 279 3.13 -0.81 -10.23
N ALA A 280 2.60 -1.51 -9.24
CA ALA A 280 2.37 -2.95 -9.37
C ALA A 280 1.04 -3.15 -10.08
N ASP A 281 1.12 -3.42 -11.39
CA ASP A 281 -0.06 -3.56 -12.25
C ASP A 281 -0.48 -5.03 -12.20
N SER A 282 -1.13 -5.37 -11.08
CA SER A 282 -1.12 -6.74 -10.56
C SER A 282 -1.66 -7.77 -11.53
N TYR A 283 -2.87 -7.58 -12.06
CA TYR A 283 -3.41 -8.65 -12.89
C TYR A 283 -2.77 -8.72 -14.28
N ASN A 284 -1.97 -7.72 -14.66
CA ASN A 284 -1.16 -7.81 -15.87
C ASN A 284 0.23 -8.39 -15.60
N HIS A 285 0.58 -8.68 -14.34
CA HIS A 285 1.86 -9.30 -13.99
C HIS A 285 3.04 -8.43 -14.41
N LYS A 286 2.88 -7.12 -14.28
CA LYS A 286 3.88 -6.17 -14.74
C LYS A 286 4.10 -5.08 -13.72
N ILE A 287 5.31 -4.52 -13.74
CA ILE A 287 5.61 -3.29 -13.03
C ILE A 287 5.59 -2.17 -14.05
N LYS A 288 4.79 -1.13 -13.79
CA LYS A 288 4.72 0.02 -14.67
C LYS A 288 5.41 1.22 -14.01
N VAL A 289 5.82 2.18 -14.83
CA VAL A 289 6.38 3.43 -14.33
C VAL A 289 5.55 4.58 -14.91
N VAL A 290 5.14 5.49 -14.04
CA VAL A 290 4.36 6.66 -14.42
C VAL A 290 5.18 7.91 -14.13
N ASP A 291 5.27 8.79 -15.11
CA ASP A 291 5.86 10.11 -14.90
C ASP A 291 4.71 11.03 -14.51
N PRO A 292 4.62 11.50 -13.27
CA PRO A 292 3.43 12.29 -12.88
C PRO A 292 3.37 13.64 -13.54
N LYS A 293 4.40 14.04 -14.29
CA LYS A 293 4.41 15.30 -15.01
C LYS A 293 3.74 15.16 -16.37
N THR A 294 4.28 14.27 -17.19
CA THR A 294 3.77 13.98 -18.51
C THR A 294 2.54 13.09 -18.48
N LYS A 295 2.28 12.43 -17.35
CA LYS A 295 1.22 11.43 -17.20
C LYS A 295 1.46 10.18 -18.05
N ASN A 296 2.69 10.00 -18.57
CA ASN A 296 3.04 8.83 -19.37
C ASN A 296 3.23 7.61 -18.48
N CYS A 297 2.58 6.50 -18.86
CA CYS A 297 2.61 5.24 -18.13
C CYS A 297 3.18 4.20 -19.08
N THR A 298 4.38 3.68 -18.77
CA THR A 298 5.04 2.71 -19.63
C THR A 298 5.41 1.47 -18.83
N THR A 299 5.78 0.39 -19.51
CA THR A 299 6.10 -0.84 -18.80
C THR A 299 7.56 -0.83 -18.38
N LEU A 300 7.81 -0.99 -17.08
CA LEU A 300 9.17 -1.02 -16.54
C LEU A 300 9.74 -2.44 -16.54
N ALA A 301 8.93 -3.43 -16.15
CA ALA A 301 9.44 -4.80 -16.03
C ALA A 301 8.29 -5.78 -16.15
N GLY A 302 8.60 -6.97 -16.66
CA GLY A 302 7.58 -8.01 -16.71
C GLY A 302 7.10 -8.27 -18.14
N THR A 303 7.13 -9.55 -18.55
CA THR A 303 6.65 -9.90 -19.89
C THR A 303 5.14 -10.03 -19.95
N GLY A 304 4.49 -10.19 -18.80
CA GLY A 304 3.07 -10.47 -18.73
C GLY A 304 2.74 -11.93 -18.55
N ASP A 305 3.71 -12.82 -18.76
CA ASP A 305 3.54 -14.25 -18.53
C ASP A 305 3.88 -14.58 -17.07
N THR A 306 3.48 -15.77 -16.63
CA THR A 306 3.68 -16.15 -15.23
C THR A 306 4.63 -17.33 -15.07
N ASN A 307 5.42 -17.67 -16.09
CA ASN A 307 6.53 -18.60 -15.90
C ASN A 307 7.65 -17.91 -15.12
N ASN A 308 7.90 -18.34 -13.88
CA ASN A 308 8.79 -17.59 -13.02
C ASN A 308 10.24 -17.90 -13.36
N VAL A 309 11.05 -16.85 -13.49
CA VAL A 309 12.49 -16.96 -13.61
C VAL A 309 13.07 -16.16 -12.47
N THR A 310 14.20 -16.62 -11.94
CA THR A 310 14.72 -16.03 -10.71
C THR A 310 15.82 -15.02 -10.97
N SER A 311 16.34 -14.96 -12.19
CA SER A 311 17.35 -13.98 -12.56
C SER A 311 17.06 -13.55 -13.98
N SER A 312 16.87 -12.24 -14.21
CA SER A 312 16.69 -11.75 -15.57
C SER A 312 16.79 -10.22 -15.62
N SER A 313 16.79 -9.70 -16.83
CA SER A 313 16.64 -8.27 -17.08
C SER A 313 15.23 -7.83 -16.69
N PHE A 314 15.03 -6.51 -16.58
CA PHE A 314 13.68 -5.99 -16.36
C PHE A 314 12.74 -6.49 -17.44
N THR A 315 13.16 -6.37 -18.71
CA THR A 315 12.23 -6.61 -19.82
C THR A 315 11.82 -8.07 -19.91
N GLU A 316 12.66 -9.00 -19.42
CA GLU A 316 12.38 -10.43 -19.53
C GLU A 316 11.99 -11.05 -18.21
N SER A 317 11.85 -10.24 -17.16
CA SER A 317 11.47 -10.76 -15.87
C SER A 317 9.98 -11.12 -15.88
N THR A 318 9.55 -11.87 -14.89
CA THR A 318 8.14 -12.22 -14.79
C THR A 318 7.66 -12.01 -13.36
N PHE A 319 6.38 -11.69 -13.24
CA PHE A 319 5.73 -11.56 -11.94
C PHE A 319 4.42 -12.35 -11.98
N ASN A 320 3.73 -12.45 -10.84
CA ASN A 320 2.46 -13.15 -10.82
C ASN A 320 1.59 -12.44 -9.78
N GLU A 321 0.70 -11.56 -10.25
CA GLU A 321 -0.16 -10.73 -9.41
C GLU A 321 0.59 -10.08 -8.24
N PRO A 322 1.63 -9.30 -8.52
CA PRO A 322 2.35 -8.61 -7.42
C PRO A 322 1.40 -7.70 -6.66
N GLY A 323 1.32 -7.91 -5.34
CA GLY A 323 0.33 -7.22 -4.54
C GLY A 323 0.77 -5.91 -3.90
N GLY A 324 2.04 -5.56 -4.04
CA GLY A 324 2.57 -4.39 -3.37
C GLY A 324 4.02 -4.22 -3.77
N LEU A 325 4.56 -3.04 -3.49
CA LEU A 325 5.95 -2.76 -3.82
C LEU A 325 6.37 -1.51 -3.07
N CYS A 326 7.69 -1.34 -2.92
CA CYS A 326 8.21 -0.17 -2.22
C CYS A 326 9.62 0.12 -2.69
N ILE A 327 9.89 1.39 -2.99
CA ILE A 327 11.23 1.83 -3.36
C ILE A 327 12.15 1.82 -2.13
N GLY A 328 13.42 1.44 -2.35
CA GLY A 328 14.40 1.45 -1.29
C GLY A 328 15.06 2.82 -1.10
N GLU A 329 16.00 2.87 -0.15
CA GLU A 329 16.64 4.13 0.19
C GLU A 329 17.44 4.66 -1.01
N ASN A 330 17.29 5.96 -1.25
CA ASN A 330 17.96 6.66 -2.36
C ASN A 330 17.57 6.08 -3.71
N GLY A 331 16.47 5.33 -3.77
CA GLY A 331 15.93 4.92 -5.05
C GLY A 331 16.82 3.97 -5.82
N GLU A 332 17.67 3.21 -5.15
CA GLU A 332 18.59 2.32 -5.86
C GLU A 332 17.96 0.96 -6.18
N LEU A 333 17.07 0.48 -5.31
CA LEU A 333 16.42 -0.81 -5.45
C LEU A 333 14.93 -0.61 -5.31
N LEU A 334 14.18 -1.45 -6.00
CA LEU A 334 12.72 -1.43 -5.90
C LEU A 334 12.30 -2.83 -5.49
N TYR A 335 11.65 -2.93 -4.32
CA TYR A 335 11.23 -4.24 -3.80
C TYR A 335 9.78 -4.52 -4.17
N VAL A 336 9.51 -5.72 -4.69
CA VAL A 336 8.17 -6.09 -5.14
C VAL A 336 7.69 -7.31 -4.36
N ALA A 337 6.51 -7.19 -3.73
CA ALA A 337 5.88 -8.37 -3.12
C ALA A 337 5.25 -9.14 -4.28
N ASP A 338 6.01 -10.11 -4.82
CA ASP A 338 5.56 -10.87 -5.99
C ASP A 338 4.67 -12.01 -5.51
N THR A 339 3.46 -11.60 -5.14
CA THR A 339 2.55 -12.38 -4.29
C THR A 339 2.41 -13.82 -4.73
N ASN A 340 1.97 -14.07 -5.97
CA ASN A 340 1.66 -15.45 -6.31
C ASN A 340 2.88 -16.30 -6.66
N ASN A 341 4.08 -15.71 -6.68
CA ASN A 341 5.32 -16.44 -6.73
C ASN A 341 5.93 -16.63 -5.34
N HIS A 342 5.28 -16.10 -4.30
CA HIS A 342 5.72 -16.31 -2.91
C HIS A 342 7.14 -15.80 -2.66
N GLN A 343 7.48 -14.67 -3.29
CA GLN A 343 8.83 -14.13 -3.25
C GLN A 343 8.79 -12.62 -3.17
N ILE A 344 9.82 -12.05 -2.55
CA ILE A 344 10.14 -10.64 -2.74
C ILE A 344 11.13 -10.57 -3.89
N LYS A 345 10.75 -9.85 -4.96
CA LYS A 345 11.66 -9.62 -6.07
C LYS A 345 12.37 -8.29 -5.86
N VAL A 346 13.66 -8.26 -6.20
CA VAL A 346 14.52 -7.10 -5.99
C VAL A 346 14.90 -6.59 -7.36
N MET A 347 14.42 -5.39 -7.69
CA MET A 347 14.71 -4.76 -8.97
C MET A 347 15.82 -3.74 -8.78
N ASP A 348 16.96 -3.98 -9.42
CA ASP A 348 18.09 -3.06 -9.30
C ASP A 348 17.91 -2.00 -10.35
N LEU A 349 17.65 -0.76 -9.92
CA LEU A 349 17.32 0.30 -10.86
C LEU A 349 18.54 0.85 -11.58
N GLU A 350 19.74 0.42 -11.19
CA GLU A 350 20.96 0.78 -11.92
C GLU A 350 21.30 -0.26 -12.99
N THR A 351 21.30 -1.54 -12.62
CA THR A 351 21.67 -2.57 -13.59
C THR A 351 20.48 -3.08 -14.41
N LYS A 352 19.27 -2.69 -14.05
CA LYS A 352 18.05 -3.19 -14.70
C LYS A 352 17.98 -4.72 -14.68
N MET A 353 18.34 -5.30 -13.52
CA MET A 353 18.24 -6.72 -13.26
C MET A 353 17.25 -7.01 -12.13
N VAL A 354 16.60 -8.18 -12.19
CA VAL A 354 15.66 -8.60 -11.16
C VAL A 354 16.21 -9.87 -10.54
N SER A 355 16.21 -9.91 -9.22
CA SER A 355 16.63 -11.11 -8.49
C SER A 355 15.59 -11.42 -7.42
N VAL A 356 15.79 -12.51 -6.68
CA VAL A 356 14.87 -12.91 -5.62
C VAL A 356 15.57 -12.65 -4.30
N LEU A 357 14.90 -11.96 -3.40
CA LEU A 357 15.50 -11.73 -2.08
C LEU A 357 15.59 -13.06 -1.34
N PRO A 358 16.77 -13.46 -0.87
CA PRO A 358 16.82 -14.64 -0.01
C PRO A 358 16.23 -14.30 1.35
N ILE A 359 15.60 -15.29 1.97
CA ILE A 359 15.00 -15.13 3.30
C ILE A 359 15.68 -16.18 4.16
N PHE A 360 16.46 -15.74 5.14
CA PHE A 360 17.13 -16.75 5.96
C PHE A 360 17.24 -16.33 7.42
#